data_5O9X
#
_entry.id   5O9X
#
_cell.length_a   80.860
_cell.length_b   87.574
_cell.length_c   91.867
_cell.angle_alpha   90.00
_cell.angle_beta   90.00
_cell.angle_gamma   90.00
#
_symmetry.space_group_name_H-M   'P 21 21 21'
#
loop_
_entity.id
_entity.type
_entity.pdbx_description
1 polymer 'Phosphoacetylglucosamine mutase'
2 non-polymer 1,6-di-O-phosphono-alpha-D-glucopyranose
3 non-polymer 'CHLORIDE ION'
4 non-polymer GLYCEROL
5 water water
#
_entity_poly.entity_id   1
_entity_poly.type   'polypeptide(L)'
_entity_poly.pdbx_seq_one_letter_code
;MASPAVRKAISDAALQYAKPEGKIFQYGTAGFRMKADLLNTVVYAVGLLATLRSKKLSGQWIGVMVTAAHNPAEDNGVKL
VDPMGEMLEAEWEAYATKLANAPLENIGDVYDELVKEIDVSMENPARVVFARDTRASGSRLIGVLSAALTATEAEFIDMK
FMTTPQLHYVVRCKNTLGTQYEYGEPTEQGYYEKLAAAFKRVMRGVKVKGSLTVDCANGVGGPKLRELIKYLPEDTGLDI
KIVNDDVINPDSLNFECGADYVKTKQRAPPSSKASILDRCASLDGDADRILYYFLDEGNVFRLLDGDRIATLAASFIGDL
ARSAGIAQKLKIGVVQTAYANGSSTEYIEKVLKLPSVCTNTGVKHLHHAAMRFDVGVYFEANGHGTITFSENALKTIKNT
EPQSPAQQRSLECLQALTDLINQAVGDAISDMLLVEAILAHKGWTPKEWLATYTDLPSRLVRVEVAERSIFKAYDAERKL
ESPPGLQAKIDSLQSRYNKGRSFARASGTEDAVRVYAEAASRSEADDLATRVANAVRDAGTVKEILQAS
;
_entity_poly.pdbx_strand_id   A
#
# COMPACT_ATOMS: atom_id res chain seq x y z
N ALA A 2 -27.87 20.32 -8.15
CA ALA A 2 -26.77 21.12 -8.80
C ALA A 2 -27.30 22.19 -9.75
N SER A 3 -26.72 23.40 -9.63
CA SER A 3 -27.07 24.59 -10.43
C SER A 3 -27.02 24.36 -11.95
N PRO A 4 -27.90 25.06 -12.72
CA PRO A 4 -27.90 24.93 -14.21
C PRO A 4 -26.57 25.27 -14.88
N ALA A 5 -25.80 26.22 -14.34
CA ALA A 5 -24.49 26.56 -14.93
C ALA A 5 -23.48 25.43 -14.72
N VAL A 6 -23.54 24.77 -13.56
CA VAL A 6 -22.70 23.60 -13.23
C VAL A 6 -23.02 22.44 -14.18
N ARG A 7 -24.30 22.07 -14.26
CA ARG A 7 -24.77 20.95 -15.08
C ARG A 7 -24.39 21.17 -16.56
N LYS A 8 -24.29 22.44 -16.95
CA LYS A 8 -23.86 22.84 -18.30
C LYS A 8 -22.33 22.72 -18.47
N ALA A 9 -21.56 23.28 -17.52
CA ALA A 9 -20.11 23.17 -17.56
C ALA A 9 -19.69 21.67 -17.53
N ILE A 10 -20.42 20.80 -16.79
CA ILE A 10 -20.13 19.33 -16.79
C ILE A 10 -20.21 18.70 -18.19
N SER A 11 -21.29 18.98 -18.93
CA SER A 11 -21.48 18.40 -20.25
C SER A 11 -20.58 19.05 -21.29
N ASP A 12 -20.37 20.36 -21.16
CA ASP A 12 -19.43 21.08 -22.00
C ASP A 12 -17.97 20.54 -21.91
N ALA A 13 -17.51 20.30 -20.69
CA ALA A 13 -16.13 19.85 -20.47
C ALA A 13 -15.96 18.38 -20.95
N ALA A 14 -16.93 17.52 -20.63
CA ALA A 14 -16.96 16.14 -21.13
C ALA A 14 -16.93 15.96 -22.66
N LEU A 15 -17.39 16.99 -23.41
CA LEU A 15 -17.35 17.05 -24.88
C LEU A 15 -15.95 16.88 -25.43
N GLN A 16 -14.94 17.21 -24.61
CA GLN A 16 -13.55 17.15 -25.06
C GLN A 16 -13.01 15.73 -25.16
N TYR A 17 -13.76 14.78 -24.62
CA TYR A 17 -13.29 13.39 -24.47
C TYR A 17 -14.21 12.43 -25.21
N ALA A 18 -13.75 11.21 -25.37
CA ALA A 18 -14.52 10.14 -26.01
C ALA A 18 -14.27 8.89 -25.18
N LYS A 19 -15.33 8.19 -24.77
CA LYS A 19 -15.20 6.88 -24.13
C LYS A 19 -14.66 5.89 -25.12
N PRO A 20 -13.75 4.99 -24.68
CA PRO A 20 -13.34 3.90 -25.57
C PRO A 20 -14.46 2.89 -25.75
N GLU A 21 -14.63 2.42 -26.97
CA GLU A 21 -15.81 1.65 -27.32
C GLU A 21 -15.77 0.31 -26.63
N GLY A 22 -16.87 -0.04 -26.00
CA GLY A 22 -16.96 -1.35 -25.43
C GLY A 22 -16.29 -1.59 -24.08
N LYS A 23 -15.44 -0.68 -23.56
CA LYS A 23 -14.80 -0.95 -22.23
C LYS A 23 -15.77 -0.67 -21.11
N ILE A 24 -15.83 -1.63 -20.20
CA ILE A 24 -16.57 -1.50 -18.95
C ILE A 24 -15.46 -1.34 -17.87
N PHE A 25 -15.58 -0.33 -17.01
CA PHE A 25 -14.57 -0.01 -16.01
C PHE A 25 -14.98 -0.55 -14.64
N GLN A 26 -14.00 -1.01 -13.86
CA GLN A 26 -14.29 -1.48 -12.51
C GLN A 26 -13.29 -0.84 -11.55
N TYR A 27 -13.69 -0.61 -10.32
CA TYR A 27 -12.81 0.06 -9.34
C TYR A 27 -11.58 -0.82 -8.93
N GLY A 28 -11.77 -2.13 -8.84
CA GLY A 28 -10.61 -3.04 -8.62
C GLY A 28 -10.14 -2.97 -7.17
N THR A 29 -8.95 -3.46 -6.96
CA THR A 29 -8.41 -3.59 -5.60
C THR A 29 -8.15 -2.20 -4.99
N ALA A 30 -7.56 -1.30 -5.80
CA ALA A 30 -7.08 0.03 -5.32
C ALA A 30 -7.55 1.23 -6.15
N GLY A 31 -8.52 1.09 -7.01
CA GLY A 31 -8.97 2.27 -7.81
C GLY A 31 -8.80 1.91 -9.26
N PHE A 32 -9.41 2.67 -10.17
CA PHE A 32 -9.36 2.39 -11.58
C PHE A 32 -7.88 2.36 -12.03
N ARG A 33 -7.53 1.37 -12.82
CA ARG A 33 -6.17 1.19 -13.28
C ARG A 33 -6.18 0.44 -14.60
N MET A 34 -5.46 0.93 -15.59
CA MET A 34 -5.53 0.36 -16.91
C MET A 34 -4.49 1.02 -17.79
N LYS A 35 -4.41 0.58 -19.07
CA LYS A 35 -3.54 1.27 -20.03
C LYS A 35 -3.95 2.74 -20.09
N ALA A 36 -2.94 3.63 -20.07
CA ALA A 36 -3.18 5.08 -19.83
C ALA A 36 -4.00 5.69 -20.95
N ASP A 37 -3.93 5.12 -22.17
CA ASP A 37 -4.75 5.72 -23.28
C ASP A 37 -6.26 5.52 -23.10
N LEU A 38 -6.67 4.67 -22.16
CA LEU A 38 -8.08 4.44 -21.84
C LEU A 38 -8.66 5.34 -20.78
N LEU A 39 -7.81 6.16 -20.14
CA LEU A 39 -8.17 6.80 -18.89
C LEU A 39 -8.90 8.17 -18.92
N ASN A 40 -8.93 8.91 -20.04
CA ASN A 40 -9.49 10.28 -19.90
C ASN A 40 -10.89 10.37 -19.23
N THR A 41 -11.86 9.58 -19.73
CA THR A 41 -13.22 9.78 -19.27
C THR A 41 -13.36 9.28 -17.81
N VAL A 42 -12.53 8.30 -17.47
CA VAL A 42 -12.48 7.74 -16.12
C VAL A 42 -12.05 8.80 -15.11
N VAL A 43 -10.93 9.45 -15.40
CA VAL A 43 -10.38 10.48 -14.55
C VAL A 43 -11.40 11.65 -14.43
N TYR A 44 -12.01 11.98 -15.56
CA TYR A 44 -13.04 13.05 -15.56
C TYR A 44 -14.15 12.66 -14.59
N ALA A 45 -14.62 11.41 -14.66
CA ALA A 45 -15.62 10.87 -13.73
C ALA A 45 -15.19 10.96 -12.26
N VAL A 46 -13.92 10.58 -12.04
CA VAL A 46 -13.36 10.69 -10.69
C VAL A 46 -13.36 12.14 -10.13
N GLY A 47 -13.12 13.13 -11.01
CA GLY A 47 -13.15 14.54 -10.56
C GLY A 47 -14.59 14.88 -10.07
N LEU A 48 -15.57 14.44 -10.83
CA LEU A 48 -16.99 14.55 -10.39
C LEU A 48 -17.28 13.89 -9.04
N LEU A 49 -16.83 12.65 -8.87
CA LEU A 49 -16.99 11.93 -7.60
C LEU A 49 -16.29 12.61 -6.41
N ALA A 50 -15.03 13.05 -6.61
CA ALA A 50 -14.28 13.75 -5.57
C ALA A 50 -15.07 14.98 -5.10
N THR A 51 -15.67 15.70 -6.03
CA THR A 51 -16.46 16.92 -5.69
C THR A 51 -17.66 16.51 -4.77
N LEU A 52 -18.40 15.47 -5.18
CA LEU A 52 -19.51 14.97 -4.39
C LEU A 52 -19.09 14.48 -3.03
N ARG A 53 -17.91 13.84 -2.95
CA ARG A 53 -17.46 13.28 -1.68
C ARG A 53 -17.15 14.40 -0.75
N SER A 54 -16.45 15.40 -1.25
CA SER A 54 -16.03 16.49 -0.40
C SER A 54 -17.27 17.22 0.14
N LYS A 55 -18.20 17.56 -0.79
CA LYS A 55 -19.51 18.20 -0.41
C LYS A 55 -20.28 17.40 0.67
N LYS A 56 -20.37 16.07 0.49
CA LYS A 56 -21.05 15.19 1.47
C LYS A 56 -20.36 15.27 2.82
N LEU A 57 -19.03 15.42 2.80
CA LEU A 57 -18.26 15.55 4.03
C LEU A 57 -18.02 17.00 4.41
N SER A 58 -19.03 17.86 4.12
CA SER A 58 -19.08 19.30 4.51
C SER A 58 -17.82 20.10 4.14
N GLY A 59 -17.29 19.80 2.94
CA GLY A 59 -16.16 20.53 2.34
C GLY A 59 -14.78 20.14 2.84
N GLN A 60 -14.65 18.93 3.38
CA GLN A 60 -13.35 18.41 3.83
C GLN A 60 -12.53 18.09 2.58
N TRP A 61 -11.23 18.31 2.65
CA TRP A 61 -10.34 18.00 1.56
C TRP A 61 -10.39 16.50 1.25
N ILE A 62 -10.66 16.22 -0.02
CA ILE A 62 -10.55 14.82 -0.55
C ILE A 62 -9.29 14.74 -1.47
N GLY A 63 -8.57 13.61 -1.46
CA GLY A 63 -7.31 13.59 -2.30
C GLY A 63 -7.59 12.70 -3.51
N VAL A 64 -6.87 12.99 -4.61
CA VAL A 64 -6.84 12.12 -5.75
C VAL A 64 -5.36 11.87 -6.08
N MET A 65 -4.93 10.62 -6.14
CA MET A 65 -3.54 10.32 -6.52
C MET A 65 -3.59 9.68 -7.90
N VAL A 66 -2.86 10.23 -8.87
CA VAL A 66 -2.85 9.65 -10.20
C VAL A 66 -1.58 8.75 -10.30
N THR A 67 -1.79 7.42 -10.27
CA THR A 67 -0.69 6.52 -10.30
C THR A 67 -1.31 5.14 -10.63
N ALA A 68 -0.49 4.31 -11.24
CA ALA A 68 -0.73 2.86 -11.28
C ALA A 68 0.30 2.07 -10.41
N ALA A 69 1.07 2.76 -9.53
CA ALA A 69 1.82 2.09 -8.38
C ALA A 69 2.83 1.01 -8.86
N HIS A 70 2.58 -0.32 -8.64
CA HIS A 70 3.51 -1.37 -9.05
C HIS A 70 3.43 -1.69 -10.55
N ASN A 71 2.34 -1.26 -11.21
CA ASN A 71 2.09 -1.60 -12.65
C ASN A 71 3.18 -1.11 -13.64
N PRO A 72 3.25 -1.79 -14.80
CA PRO A 72 4.24 -1.35 -15.81
C PRO A 72 3.93 0.12 -16.22
N ALA A 73 4.96 0.79 -16.73
CA ALA A 73 4.93 2.23 -17.10
C ALA A 73 3.78 2.63 -18.03
N GLU A 74 3.28 1.73 -18.90
CA GLU A 74 2.25 2.12 -19.87
C GLU A 74 0.89 2.32 -19.17
N ASP A 75 0.78 1.85 -17.93
CA ASP A 75 -0.53 2.02 -17.20
C ASP A 75 -0.58 3.33 -16.43
N ASN A 76 -1.78 3.75 -16.04
CA ASN A 76 -1.94 4.74 -15.01
C ASN A 76 -3.25 4.44 -14.29
N GLY A 77 -3.61 5.26 -13.34
CA GLY A 77 -4.80 4.97 -12.56
C GLY A 77 -5.09 6.09 -11.65
N VAL A 78 -6.17 5.95 -10.90
CA VAL A 78 -6.60 7.09 -10.04
C VAL A 78 -7.22 6.51 -8.82
N LYS A 79 -6.56 6.81 -7.69
CA LYS A 79 -6.98 6.47 -6.31
C LYS A 79 -7.62 7.62 -5.48
N LEU A 80 -8.81 7.39 -4.92
CA LEU A 80 -9.39 8.40 -4.01
C LEU A 80 -8.97 8.27 -2.50
N VAL A 81 -8.79 9.41 -1.85
CA VAL A 81 -8.31 9.50 -0.47
C VAL A 81 -9.36 10.28 0.35
N ASP A 82 -9.88 9.66 1.39
CA ASP A 82 -10.91 10.27 2.27
C ASP A 82 -10.20 11.17 3.32
N PRO A 83 -10.99 11.93 4.11
CA PRO A 83 -10.35 13.04 4.81
C PRO A 83 -9.25 12.69 5.81
N MET A 84 -9.26 11.49 6.40
CA MET A 84 -8.26 11.18 7.43
C MET A 84 -7.13 10.33 6.86
N GLY A 85 -7.09 10.25 5.54
CA GLY A 85 -5.99 9.54 4.88
C GLY A 85 -6.33 8.13 4.49
N GLU A 86 -7.53 7.64 4.87
CA GLU A 86 -7.90 6.30 4.51
C GLU A 86 -8.38 6.23 3.04
N MET A 87 -8.43 5.01 2.51
CA MET A 87 -9.03 4.74 1.22
C MET A 87 -10.48 5.13 1.22
N LEU A 88 -10.91 5.67 0.09
CA LEU A 88 -12.30 6.04 -0.16
C LEU A 88 -13.20 4.96 0.40
N GLU A 89 -14.12 5.38 1.27
CA GLU A 89 -15.13 4.47 1.88
C GLU A 89 -15.69 3.44 0.86
N ALA A 90 -15.73 2.16 1.21
CA ALA A 90 -16.16 1.10 0.25
C ALA A 90 -17.49 1.32 -0.55
N GLU A 91 -18.53 1.88 0.11
CA GLU A 91 -19.86 2.07 -0.52
C GLU A 91 -19.78 3.05 -1.72
N TRP A 92 -18.77 3.93 -1.67
CA TRP A 92 -18.58 4.92 -2.68
C TRP A 92 -17.82 4.40 -3.90
N GLU A 93 -17.25 3.19 -3.82
CA GLU A 93 -16.65 2.61 -5.06
C GLU A 93 -17.74 2.36 -6.11
N ALA A 94 -18.94 1.89 -5.69
CA ALA A 94 -20.08 1.78 -6.64
C ALA A 94 -20.48 3.08 -7.29
N TYR A 95 -20.50 4.17 -6.55
CA TYR A 95 -20.80 5.46 -7.17
C TYR A 95 -19.72 5.83 -8.22
N ALA A 96 -18.44 5.59 -7.86
CA ALA A 96 -17.37 5.95 -8.83
C ALA A 96 -17.59 5.19 -10.10
N THR A 97 -17.92 3.89 -9.95
CA THR A 97 -18.04 2.98 -11.08
C THR A 97 -19.25 3.36 -11.94
N LYS A 98 -20.29 3.93 -11.30
CA LYS A 98 -21.47 4.35 -12.08
C LYS A 98 -21.08 5.57 -12.90
N LEU A 99 -20.37 6.54 -12.31
CA LEU A 99 -19.96 7.68 -13.10
C LEU A 99 -19.01 7.28 -14.23
N ALA A 100 -18.11 6.35 -13.93
CA ALA A 100 -17.09 5.95 -14.94
C ALA A 100 -17.71 5.17 -16.10
N ASN A 101 -18.82 4.47 -15.83
CA ASN A 101 -19.51 3.70 -16.87
C ASN A 101 -20.68 4.44 -17.58
N ALA A 102 -21.02 5.64 -17.08
CA ALA A 102 -22.06 6.46 -17.71
C ALA A 102 -21.65 6.87 -19.12
N PRO A 103 -22.60 6.74 -20.11
CA PRO A 103 -22.35 7.42 -21.38
C PRO A 103 -22.04 8.87 -21.08
N LEU A 104 -21.11 9.42 -21.83
CA LEU A 104 -20.64 10.78 -21.62
C LEU A 104 -21.76 11.80 -21.73
N GLU A 105 -22.63 11.57 -22.70
CA GLU A 105 -23.84 12.39 -22.96
C GLU A 105 -24.68 12.53 -21.69
N ASN A 106 -24.65 11.49 -20.85
CA ASN A 106 -25.53 11.34 -19.69
C ASN A 106 -24.83 11.56 -18.37
N ILE A 107 -23.52 11.86 -18.42
CA ILE A 107 -22.73 11.99 -17.17
C ILE A 107 -23.31 13.07 -16.22
N GLY A 108 -23.82 14.18 -16.79
CA GLY A 108 -24.60 15.23 -16.08
C GLY A 108 -25.82 14.72 -15.27
N ASP A 109 -26.58 13.82 -15.89
CA ASP A 109 -27.75 13.20 -15.27
C ASP A 109 -27.36 12.23 -14.21
N VAL A 110 -26.34 11.40 -14.49
CA VAL A 110 -25.81 10.50 -13.47
C VAL A 110 -25.35 11.30 -12.26
N TYR A 111 -24.67 12.42 -12.49
CA TYR A 111 -24.24 13.32 -11.39
C TYR A 111 -25.44 13.76 -10.50
N ASP A 112 -26.50 14.29 -11.11
CA ASP A 112 -27.72 14.67 -10.35
C ASP A 112 -28.40 13.50 -9.67
N GLU A 113 -28.42 12.35 -10.36
CA GLU A 113 -28.98 11.14 -9.81
C GLU A 113 -28.23 10.83 -8.51
N LEU A 114 -26.89 11.01 -8.55
CA LEU A 114 -26.07 10.77 -7.37
C LEU A 114 -26.29 11.75 -6.27
N VAL A 115 -26.48 13.03 -6.60
CA VAL A 115 -26.68 13.98 -5.50
C VAL A 115 -27.96 13.64 -4.65
N LYS A 116 -29.02 13.18 -5.35
CA LYS A 116 -30.29 12.69 -4.75
C LYS A 116 -30.08 11.46 -3.91
N GLU A 117 -29.41 10.45 -4.49
CA GLU A 117 -29.23 9.19 -3.82
C GLU A 117 -28.32 9.36 -2.56
N ILE A 118 -27.21 10.07 -2.73
CA ILE A 118 -26.25 10.28 -1.63
C ILE A 118 -26.86 11.31 -0.60
N ASP A 119 -27.78 12.12 -1.13
CA ASP A 119 -28.38 13.28 -0.42
C ASP A 119 -27.26 14.27 -0.02
N VAL A 120 -26.75 14.94 -1.04
CA VAL A 120 -25.63 15.86 -0.89
C VAL A 120 -26.15 17.29 -0.94
N SER A 121 -25.82 18.07 0.12
CA SER A 121 -26.04 19.55 0.13
C SER A 121 -25.12 20.30 -0.85
N MET A 122 -25.64 20.57 -2.06
CA MET A 122 -24.90 21.16 -3.18
C MET A 122 -24.36 22.57 -2.99
N GLU A 123 -24.65 23.16 -1.83
CA GLU A 123 -24.19 24.51 -1.48
C GLU A 123 -22.89 24.39 -0.66
N ASN A 124 -22.61 23.20 -0.13
CA ASN A 124 -21.34 22.96 0.59
C ASN A 124 -20.12 23.24 -0.38
N PRO A 125 -19.03 23.78 0.14
CA PRO A 125 -17.87 23.84 -0.75
C PRO A 125 -17.34 22.42 -1.09
N ALA A 126 -16.64 22.29 -2.20
CA ALA A 126 -15.88 21.06 -2.48
C ALA A 126 -14.42 21.46 -2.54
N ARG A 127 -13.57 20.68 -1.83
CA ARG A 127 -12.13 20.96 -1.78
C ARG A 127 -11.36 19.64 -2.13
N VAL A 128 -10.58 19.67 -3.21
CA VAL A 128 -9.87 18.48 -3.72
C VAL A 128 -8.38 18.81 -3.87
N VAL A 129 -7.50 17.93 -3.40
CA VAL A 129 -6.02 18.13 -3.57
C VAL A 129 -5.52 16.86 -4.34
N PHE A 130 -4.60 17.02 -5.29
CA PHE A 130 -4.16 15.89 -6.08
C PHE A 130 -2.66 15.96 -6.36
N ALA A 131 -2.07 14.81 -6.75
CA ALA A 131 -0.66 14.67 -7.05
C ALA A 131 -0.57 13.48 -7.99
N ARG A 132 0.65 13.21 -8.50
CA ARG A 132 0.81 12.14 -9.41
C ARG A 132 2.22 11.62 -9.25
N ASP A 133 2.45 10.40 -9.72
CA ASP A 133 3.81 9.86 -9.74
C ASP A 133 4.43 10.34 -11.11
N THR A 134 5.52 9.70 -11.57
CA THR A 134 6.32 10.21 -12.68
C THR A 134 5.82 9.75 -14.05
N ARG A 135 4.70 8.97 -14.08
CA ARG A 135 4.30 8.27 -15.29
C ARG A 135 4.06 9.31 -16.45
N ALA A 136 4.31 8.90 -17.68
CA ALA A 136 4.32 9.87 -18.81
C ALA A 136 2.94 10.48 -19.01
N SER A 137 1.91 9.66 -18.79
CA SER A 137 0.52 10.16 -18.94
C SER A 137 0.00 11.03 -17.82
N GLY A 138 0.74 11.21 -16.73
CA GLY A 138 0.14 11.91 -15.61
C GLY A 138 -0.28 13.36 -15.84
N SER A 139 0.57 14.11 -16.53
CA SER A 139 0.21 15.54 -16.82
C SER A 139 -1.14 15.67 -17.58
N ARG A 140 -1.32 14.94 -18.70
CA ARG A 140 -2.60 14.89 -19.46
C ARG A 140 -3.74 14.60 -18.52
N LEU A 141 -3.62 13.52 -17.72
CA LEU A 141 -4.67 13.15 -16.76
C LEU A 141 -4.98 14.20 -15.68
N ILE A 142 -3.95 14.80 -15.11
CA ILE A 142 -4.15 16.00 -14.23
C ILE A 142 -4.93 17.18 -14.96
N GLY A 143 -4.63 17.42 -16.24
CA GLY A 143 -5.45 18.33 -17.10
C GLY A 143 -6.92 17.97 -17.09
N VAL A 144 -7.22 16.67 -17.24
CA VAL A 144 -8.62 16.20 -17.28
C VAL A 144 -9.26 16.38 -15.93
N LEU A 145 -8.56 15.90 -14.89
CA LEU A 145 -9.01 16.12 -13.51
C LEU A 145 -9.36 17.59 -13.20
N SER A 146 -8.43 18.46 -13.57
CA SER A 146 -8.60 19.92 -13.43
C SER A 146 -9.85 20.43 -14.15
N ALA A 147 -10.05 19.99 -15.39
CA ALA A 147 -11.26 20.25 -16.16
C ALA A 147 -12.56 19.85 -15.46
N ALA A 148 -12.63 18.63 -14.88
CA ALA A 148 -13.76 18.21 -14.03
C ALA A 148 -13.97 19.12 -12.82
N LEU A 149 -12.93 19.38 -12.04
CA LEU A 149 -13.02 20.18 -10.85
C LEU A 149 -13.38 21.64 -11.12
N THR A 150 -12.94 22.15 -12.26
CA THR A 150 -13.24 23.52 -12.61
C THR A 150 -14.74 23.55 -12.98
N ALA A 151 -15.20 22.52 -13.68
CA ALA A 151 -16.61 22.45 -14.09
C ALA A 151 -17.53 22.40 -12.87
N THR A 152 -17.16 21.64 -11.86
CA THR A 152 -18.02 21.45 -10.74
C THR A 152 -17.74 22.55 -9.73
N GLU A 153 -16.80 23.45 -10.04
CA GLU A 153 -16.46 24.62 -9.18
C GLU A 153 -15.83 24.21 -7.83
N ALA A 154 -15.13 23.08 -7.81
CA ALA A 154 -14.42 22.72 -6.60
C ALA A 154 -13.23 23.73 -6.49
N GLU A 155 -12.83 24.04 -5.25
CA GLU A 155 -11.50 24.59 -4.95
C GLU A 155 -10.51 23.41 -5.07
N PHE A 156 -9.36 23.62 -5.70
CA PHE A 156 -8.38 22.48 -5.89
C PHE A 156 -6.95 22.93 -5.88
N ILE A 157 -6.05 22.04 -5.45
CA ILE A 157 -4.61 22.32 -5.36
C ILE A 157 -3.89 21.18 -6.06
N ASP A 158 -2.98 21.54 -6.97
CA ASP A 158 -2.11 20.57 -7.68
C ASP A 158 -0.83 20.50 -6.87
N MET A 159 -0.57 19.36 -6.20
CA MET A 159 0.74 19.18 -5.52
C MET A 159 1.85 18.65 -6.38
N LYS A 160 1.64 18.56 -7.69
CA LYS A 160 2.72 18.13 -8.66
C LYS A 160 3.13 16.66 -8.40
N PHE A 161 4.44 16.37 -8.33
CA PHE A 161 4.92 15.02 -8.13
C PHE A 161 5.07 14.73 -6.63
N MET A 162 4.44 13.66 -6.19
CA MET A 162 4.59 13.20 -4.80
C MET A 162 4.42 11.69 -4.78
N THR A 163 4.89 11.07 -3.70
CA THR A 163 4.69 9.61 -3.50
C THR A 163 3.25 9.50 -3.04
N THR A 164 2.65 8.32 -3.20
CA THR A 164 1.31 8.11 -2.69
C THR A 164 1.16 8.48 -1.21
N PRO A 165 2.04 7.99 -0.35
CA PRO A 165 1.86 8.33 1.07
C PRO A 165 2.01 9.83 1.36
N GLN A 166 2.87 10.54 0.59
CA GLN A 166 2.90 12.06 0.73
C GLN A 166 1.52 12.68 0.50
N LEU A 167 0.85 12.25 -0.57
CA LEU A 167 -0.50 12.76 -0.83
C LEU A 167 -1.48 12.42 0.35
N HIS A 168 -1.54 11.14 0.81
CA HIS A 168 -2.38 10.82 1.99
C HIS A 168 -2.06 11.69 3.23
N TYR A 169 -0.77 11.89 3.46
CA TYR A 169 -0.27 12.79 4.55
C TYR A 169 -0.82 14.21 4.40
N VAL A 170 -0.78 14.78 3.18
CA VAL A 170 -1.25 16.15 2.89
C VAL A 170 -2.76 16.26 3.18
N VAL A 171 -3.55 15.30 2.71
CA VAL A 171 -5.01 15.24 2.96
C VAL A 171 -5.31 15.30 4.49
N ARG A 172 -4.76 14.36 5.25
CA ARG A 172 -4.88 14.33 6.73
C ARG A 172 -4.44 15.68 7.35
N CYS A 173 -3.27 16.19 6.96
CA CYS A 173 -2.85 17.50 7.48
C CYS A 173 -3.85 18.62 7.24
N LYS A 174 -4.32 18.76 5.99
CA LYS A 174 -5.20 19.91 5.72
C LYS A 174 -6.56 19.76 6.50
N ASN A 175 -6.98 18.52 6.76
CA ASN A 175 -8.26 18.34 7.45
C ASN A 175 -8.13 18.43 8.98
N THR A 176 -6.90 18.49 9.49
CA THR A 176 -6.69 18.50 10.92
C THR A 176 -5.96 19.77 11.39
N LEU A 177 -5.59 20.63 10.44
CA LEU A 177 -4.72 21.76 10.75
C LEU A 177 -5.50 22.62 11.78
N GLY A 178 -4.82 23.06 12.85
CA GLY A 178 -5.37 23.99 13.84
C GLY A 178 -6.33 23.36 14.84
N THR A 179 -6.30 22.04 14.95
CA THR A 179 -7.17 21.29 15.86
C THR A 179 -6.28 20.52 16.85
N GLN A 180 -6.88 19.93 17.89
CA GLN A 180 -6.19 18.98 18.77
C GLN A 180 -5.61 17.73 18.05
N TYR A 181 -6.10 17.45 16.83
CA TYR A 181 -5.74 16.26 16.03
C TYR A 181 -4.60 16.51 15.01
N GLU A 182 -4.27 17.80 14.83
CA GLU A 182 -3.22 18.31 13.95
C GLU A 182 -2.08 17.36 13.61
N TYR A 183 -2.02 16.94 12.35
CA TYR A 183 -1.10 15.88 11.95
C TYR A 183 0.28 16.43 11.49
N GLY A 184 0.32 17.68 11.07
CA GLY A 184 1.54 18.30 10.54
C GLY A 184 1.20 19.46 9.64
N GLU A 185 2.24 20.12 9.12
CA GLU A 185 2.10 21.11 8.05
C GLU A 185 1.82 20.39 6.72
N PRO A 186 0.86 20.88 5.92
CA PRO A 186 0.36 20.14 4.72
C PRO A 186 1.18 20.37 3.47
N THR A 187 2.49 20.20 3.59
CA THR A 187 3.41 20.41 2.50
C THR A 187 4.42 19.29 2.52
N GLU A 188 5.11 19.19 1.41
CA GLU A 188 6.16 18.22 1.27
C GLU A 188 7.26 18.45 2.29
N GLN A 189 7.66 19.74 2.51
CA GLN A 189 8.62 20.02 3.65
C GLN A 189 8.08 19.52 4.99
N GLY A 190 6.77 19.73 5.27
CA GLY A 190 6.21 19.33 6.55
C GLY A 190 6.30 17.80 6.73
N TYR A 191 6.03 17.09 5.65
CA TYR A 191 6.20 15.59 5.64
C TYR A 191 7.63 15.16 6.04
N TYR A 192 8.66 15.78 5.43
CA TYR A 192 10.06 15.40 5.75
C TYR A 192 10.41 15.74 7.20
N GLU A 193 9.94 16.91 7.64
CA GLU A 193 10.18 17.40 9.02
C GLU A 193 9.59 16.43 10.06
N LYS A 194 8.37 15.99 9.80
CA LYS A 194 7.70 15.06 10.74
C LYS A 194 8.40 13.72 10.80
N LEU A 195 8.68 13.13 9.63
CA LEU A 195 9.43 11.85 9.61
C LEU A 195 10.78 12.02 10.29
N ALA A 196 11.49 13.12 9.95
CA ALA A 196 12.84 13.29 10.54
C ALA A 196 12.81 13.42 12.06
N ALA A 197 11.86 14.24 12.56
CA ALA A 197 11.77 14.47 14.00
C ALA A 197 11.40 13.18 14.78
N ALA A 198 10.45 12.41 14.22
CA ALA A 198 10.01 11.14 14.84
C ALA A 198 11.17 10.12 14.84
N PHE A 199 11.90 10.03 13.73
CA PHE A 199 13.07 9.13 13.65
C PHE A 199 14.16 9.52 14.62
N LYS A 200 14.47 10.81 14.69
CA LYS A 200 15.41 11.29 15.77
C LYS A 200 15.02 10.79 17.16
N ARG A 201 13.77 10.95 17.57
CA ARG A 201 13.32 10.51 18.87
C ARG A 201 13.39 8.98 19.01
N VAL A 202 12.86 8.24 18.04
CA VAL A 202 12.94 6.78 18.12
C VAL A 202 14.40 6.33 18.19
N MET A 203 15.36 7.04 17.59
CA MET A 203 16.72 6.57 17.55
C MET A 203 17.53 6.91 18.82
N ARG A 204 16.93 7.63 19.78
CA ARG A 204 17.74 8.16 20.93
C ARG A 204 18.50 6.96 21.58
N GLY A 205 19.82 7.07 21.55
CA GLY A 205 20.65 6.16 22.32
C GLY A 205 21.15 4.96 21.55
N VAL A 206 20.78 4.79 20.27
CA VAL A 206 21.29 3.63 19.51
C VAL A 206 21.79 4.12 18.15
N LYS A 207 22.41 3.26 17.40
CA LYS A 207 22.92 3.60 16.07
C LYS A 207 22.68 2.45 15.12
N VAL A 208 22.38 2.79 13.87
CA VAL A 208 22.34 1.85 12.77
C VAL A 208 23.75 1.37 12.48
N LYS A 209 23.92 0.14 12.04
CA LYS A 209 25.22 -0.33 11.65
C LYS A 209 25.05 -0.79 10.20
N GLY A 210 26.06 -0.44 9.38
CA GLY A 210 26.24 -0.81 7.99
C GLY A 210 25.30 0.07 7.11
N SER A 211 25.58 0.11 5.84
CA SER A 211 24.82 0.92 4.90
C SER A 211 23.47 0.23 4.61
N LEU A 212 22.56 1.03 4.02
CA LEU A 212 21.33 0.55 3.47
C LEU A 212 21.30 0.97 1.97
N THR A 213 21.19 0.03 1.05
CA THR A 213 21.13 0.34 -0.41
C THR A 213 19.66 0.20 -0.89
N VAL A 214 19.06 1.31 -1.30
CA VAL A 214 17.61 1.36 -1.54
C VAL A 214 17.40 1.56 -3.04
N ASP A 215 16.87 0.51 -3.64
CA ASP A 215 16.40 0.53 -5.06
C ASP A 215 15.09 1.27 -5.09
N CYS A 216 15.04 2.36 -5.86
CA CYS A 216 13.88 3.26 -5.81
C CYS A 216 13.01 3.15 -7.09
N ALA A 217 13.18 2.00 -7.74
CA ALA A 217 12.25 1.59 -8.82
C ALA A 217 12.19 2.56 -9.99
N ASN A 218 13.20 3.45 -10.07
CA ASN A 218 13.22 4.62 -11.06
C ASN A 218 11.95 5.47 -10.95
N GLY A 219 11.37 5.53 -9.74
CA GLY A 219 10.15 6.32 -9.50
C GLY A 219 10.36 7.52 -8.60
N VAL A 220 9.23 8.17 -8.26
CA VAL A 220 9.16 9.39 -7.48
C VAL A 220 9.78 9.15 -6.08
N GLY A 221 9.79 7.91 -5.61
CA GLY A 221 10.46 7.69 -4.30
C GLY A 221 11.93 8.00 -4.27
N GLY A 222 12.66 7.89 -5.41
CA GLY A 222 14.14 8.19 -5.48
C GLY A 222 14.48 9.64 -5.12
N PRO A 223 13.88 10.60 -5.86
CA PRO A 223 14.12 12.02 -5.56
C PRO A 223 13.60 12.41 -4.16
N LYS A 224 12.45 11.86 -3.74
CA LYS A 224 11.85 12.25 -2.46
C LYS A 224 12.67 11.65 -1.34
N LEU A 225 13.16 10.43 -1.53
CA LEU A 225 13.96 9.86 -0.41
C LEU A 225 15.27 10.69 -0.29
N ARG A 226 15.92 11.03 -1.42
CA ARG A 226 17.12 11.90 -1.40
C ARG A 226 16.83 13.21 -0.67
N GLU A 227 15.65 13.79 -0.91
CA GLU A 227 15.24 15.01 -0.22
C GLU A 227 15.06 14.81 1.31
N LEU A 228 14.34 13.74 1.69
CA LEU A 228 14.15 13.37 3.08
C LEU A 228 15.51 13.27 3.79
N ILE A 229 16.55 12.73 3.11
CA ILE A 229 17.84 12.48 3.78
C ILE A 229 18.49 13.81 4.27
N LYS A 230 18.25 14.89 3.54
CA LYS A 230 18.71 16.23 4.02
C LYS A 230 18.12 16.64 5.33
N TYR A 231 16.88 16.20 5.63
CA TYR A 231 16.25 16.48 6.93
C TYR A 231 16.66 15.57 8.08
N LEU A 232 17.24 14.38 7.77
CA LEU A 232 17.37 13.34 8.83
C LEU A 232 18.47 13.71 9.86
N PRO A 233 18.35 13.23 11.12
CA PRO A 233 19.38 13.63 12.12
C PRO A 233 20.71 13.04 11.79
N GLU A 234 21.78 13.64 12.32
CA GLU A 234 23.14 13.47 11.77
C GLU A 234 24.01 12.28 12.27
N ASP A 235 23.78 11.87 13.54
CA ASP A 235 24.62 10.84 14.20
C ASP A 235 23.79 9.58 14.54
N THR A 236 23.02 9.09 13.58
CA THR A 236 22.16 7.92 13.86
C THR A 236 22.84 6.71 13.28
N GLY A 237 23.93 6.92 12.53
CA GLY A 237 24.62 5.81 11.86
C GLY A 237 23.97 5.41 10.50
N LEU A 238 22.81 5.96 10.16
CA LEU A 238 22.13 5.56 8.94
C LEU A 238 22.90 6.18 7.75
N ASP A 239 23.25 5.31 6.82
CA ASP A 239 24.01 5.60 5.67
C ASP A 239 23.24 5.03 4.43
N ILE A 240 22.39 5.82 3.78
CA ILE A 240 21.57 5.31 2.64
C ILE A 240 22.26 5.56 1.34
N LYS A 241 22.30 4.54 0.49
CA LYS A 241 22.70 4.71 -0.87
C LYS A 241 21.46 4.49 -1.72
N ILE A 242 21.26 5.32 -2.77
CA ILE A 242 20.06 5.25 -3.61
C ILE A 242 20.52 4.68 -4.90
N VAL A 243 19.83 3.68 -5.43
CA VAL A 243 20.07 3.18 -6.79
C VAL A 243 18.73 3.20 -7.53
N ASN A 244 18.75 3.21 -8.89
CA ASN A 244 17.52 3.27 -9.70
C ASN A 244 16.64 4.43 -9.32
N ASP A 245 17.12 5.64 -9.61
CA ASP A 245 16.29 6.80 -9.44
C ASP A 245 16.05 7.46 -10.78
N ASP A 246 16.02 6.70 -11.89
CA ASP A 246 15.92 7.40 -13.21
C ASP A 246 14.49 7.79 -13.57
N VAL A 247 14.07 8.96 -13.04
CA VAL A 247 12.69 9.46 -13.25
C VAL A 247 12.65 10.21 -14.59
N ILE A 248 13.76 10.28 -15.29
CA ILE A 248 13.80 10.96 -16.59
C ILE A 248 13.32 10.04 -17.73
N ASN A 249 13.76 8.79 -17.75
CA ASN A 249 13.27 7.86 -18.80
C ASN A 249 12.03 7.12 -18.18
N PRO A 250 10.80 7.40 -18.70
CA PRO A 250 9.59 6.80 -18.15
C PRO A 250 9.53 5.26 -18.39
N ASP A 251 10.25 4.73 -19.36
CA ASP A 251 10.24 3.25 -19.61
C ASP A 251 11.00 2.50 -18.49
N SER A 252 11.79 3.23 -17.72
CA SER A 252 12.53 2.61 -16.57
C SER A 252 11.71 2.31 -15.32
N LEU A 253 10.50 2.86 -15.22
CA LEU A 253 9.72 2.81 -14.00
C LEU A 253 9.33 1.36 -13.72
N ASN A 254 9.66 0.83 -12.52
CA ASN A 254 9.35 -0.60 -12.16
C ASN A 254 9.96 -1.63 -13.13
N PHE A 255 11.05 -1.24 -13.81
CA PHE A 255 11.51 -2.08 -14.93
C PHE A 255 12.73 -2.79 -14.51
N GLU A 256 12.64 -4.12 -14.37
CA GLU A 256 13.78 -4.92 -13.85
C GLU A 256 14.31 -4.44 -12.48
N CYS A 257 13.44 -3.80 -11.71
CA CYS A 257 13.80 -3.34 -10.35
C CYS A 257 12.50 -2.92 -9.66
N GLY A 258 12.60 -2.61 -8.36
CA GLY A 258 11.37 -2.20 -7.61
C GLY A 258 10.89 -3.44 -6.80
N ALA A 259 10.08 -3.18 -5.78
CA ALA A 259 9.66 -4.23 -4.78
C ALA A 259 8.90 -5.27 -5.54
N ASP A 260 8.09 -4.90 -6.53
CA ASP A 260 7.25 -5.97 -7.18
C ASP A 260 8.10 -6.99 -8.00
N TYR A 261 9.14 -6.47 -8.68
CA TYR A 261 10.09 -7.32 -9.36
C TYR A 261 10.77 -8.26 -8.31
N VAL A 262 11.30 -7.72 -7.21
CA VAL A 262 12.05 -8.52 -6.26
C VAL A 262 11.15 -9.62 -5.65
N LYS A 263 9.96 -9.21 -5.21
CA LYS A 263 9.04 -10.17 -4.59
C LYS A 263 8.54 -11.27 -5.56
N THR A 264 8.17 -10.92 -6.81
CA THR A 264 7.58 -11.93 -7.73
C THR A 264 8.69 -12.81 -8.29
N LYS A 265 9.86 -12.24 -8.57
CA LYS A 265 10.97 -13.06 -9.10
C LYS A 265 11.85 -13.69 -8.04
N GLN A 266 11.75 -13.22 -6.77
CA GLN A 266 12.61 -13.71 -5.67
C GLN A 266 14.11 -13.67 -6.01
N ARG A 267 14.56 -12.47 -6.33
CA ARG A 267 15.96 -12.22 -6.73
C ARG A 267 16.15 -10.72 -6.68
N ALA A 268 17.42 -10.30 -6.61
CA ALA A 268 17.73 -8.89 -6.61
C ALA A 268 17.58 -8.35 -8.02
N PRO A 269 17.43 -7.02 -8.17
CA PRO A 269 17.40 -6.48 -9.52
C PRO A 269 18.72 -6.90 -10.27
N PRO A 270 18.63 -7.29 -11.54
CA PRO A 270 19.89 -7.73 -12.25
C PRO A 270 21.00 -6.63 -12.30
N SER A 271 20.63 -5.34 -12.25
CA SER A 271 21.62 -4.23 -12.19
C SER A 271 22.20 -3.98 -10.79
N SER A 272 21.74 -4.74 -9.79
CA SER A 272 22.27 -4.56 -8.42
C SER A 272 23.78 -4.76 -8.38
N LYS A 273 24.47 -3.82 -7.73
CA LYS A 273 25.93 -3.93 -7.51
C LYS A 273 26.24 -4.22 -6.05
N ALA A 274 25.22 -4.61 -5.27
CA ALA A 274 25.41 -4.87 -3.83
C ALA A 274 26.40 -5.99 -3.53
N SER A 275 27.19 -5.79 -2.49
CA SER A 275 28.14 -6.83 -2.07
C SER A 275 27.46 -7.81 -1.16
N ILE A 276 28.11 -8.97 -0.97
CA ILE A 276 27.77 -9.93 0.06
C ILE A 276 27.58 -9.20 1.38
N LEU A 277 26.48 -9.54 2.09
CA LEU A 277 26.05 -8.96 3.37
C LEU A 277 25.60 -7.47 3.34
N ASP A 278 25.62 -6.77 2.20
CA ASP A 278 25.03 -5.42 2.17
C ASP A 278 23.50 -5.52 2.49
N ARG A 279 22.99 -4.70 3.41
CA ARG A 279 21.54 -4.70 3.68
C ARG A 279 20.88 -3.88 2.56
N CYS A 280 19.89 -4.44 1.85
CA CYS A 280 19.21 -3.73 0.76
C CYS A 280 17.70 -3.67 0.98
N ALA A 281 17.05 -2.77 0.24
CA ALA A 281 15.57 -2.75 0.19
C ALA A 281 15.13 -2.21 -1.15
N SER A 282 13.91 -2.54 -1.54
CA SER A 282 13.37 -1.99 -2.79
C SER A 282 12.03 -1.35 -2.50
N LEU A 283 11.84 -0.12 -2.98
CA LEU A 283 10.53 0.53 -2.98
C LEU A 283 9.87 0.20 -4.31
N ASP A 284 8.60 0.57 -4.48
CA ASP A 284 8.03 0.49 -5.84
C ASP A 284 7.87 1.89 -6.42
N GLY A 285 7.27 1.97 -7.62
CA GLY A 285 7.16 3.21 -8.42
C GLY A 285 6.41 4.38 -7.75
N ASP A 286 5.45 4.14 -6.85
CA ASP A 286 4.83 5.28 -6.07
C ASP A 286 5.27 5.30 -4.57
N ALA A 287 6.28 4.48 -4.28
CA ALA A 287 6.86 4.34 -2.92
C ALA A 287 5.78 3.98 -1.86
N ASP A 288 4.96 3.00 -2.22
CA ASP A 288 4.05 2.54 -1.23
C ASP A 288 4.15 1.04 -0.91
N ARG A 289 5.26 0.46 -1.32
CA ARG A 289 5.65 -0.91 -0.91
C ARG A 289 7.12 -0.85 -0.58
N ILE A 290 7.54 -1.64 0.42
CA ILE A 290 8.98 -1.85 0.62
C ILE A 290 9.24 -3.33 0.95
N LEU A 291 10.24 -3.93 0.33
CA LEU A 291 10.94 -5.05 0.99
C LEU A 291 12.36 -5.03 1.09
N TYR A 292 12.86 -5.91 1.94
CA TYR A 292 14.29 -5.93 2.24
C TYR A 292 14.85 -7.21 1.70
N TYR A 293 16.19 -7.28 1.54
CA TYR A 293 16.83 -8.48 1.06
C TYR A 293 18.33 -8.27 1.17
N PHE A 294 19.07 -9.36 1.12
CA PHE A 294 20.53 -9.29 1.14
C PHE A 294 21.08 -10.55 0.54
N LEU A 295 22.39 -10.49 0.20
CA LEU A 295 23.14 -11.70 -0.19
C LEU A 295 23.82 -12.22 1.09
N ASP A 296 23.53 -13.46 1.47
CA ASP A 296 24.11 -14.01 2.71
C ASP A 296 25.62 -14.34 2.52
N GLU A 297 26.27 -14.80 3.60
CA GLU A 297 27.70 -15.19 3.57
C GLU A 297 28.03 -16.17 2.44
N GLY A 298 27.11 -17.09 2.08
CA GLY A 298 27.30 -17.98 0.95
C GLY A 298 27.02 -17.41 -0.43
N ASN A 299 26.82 -16.09 -0.54
CA ASN A 299 26.41 -15.44 -1.78
C ASN A 299 25.02 -15.89 -2.26
N VAL A 300 24.10 -16.20 -1.34
CA VAL A 300 22.72 -16.61 -1.74
C VAL A 300 21.75 -15.46 -1.38
N PHE A 301 20.89 -15.08 -2.33
CA PHE A 301 19.87 -14.04 -2.15
C PHE A 301 18.87 -14.52 -1.10
N ARG A 302 18.53 -13.66 -0.16
CA ARG A 302 17.51 -13.95 0.87
C ARG A 302 16.54 -12.78 0.95
N LEU A 303 15.29 -13.10 0.96
CA LEU A 303 14.25 -12.09 0.85
C LEU A 303 13.65 -11.84 2.22
N LEU A 304 13.45 -10.55 2.57
CA LEU A 304 12.79 -10.18 3.80
C LEU A 304 11.59 -9.38 3.44
N ASP A 305 10.45 -10.07 3.30
CA ASP A 305 9.29 -9.40 2.63
C ASP A 305 8.34 -8.73 3.62
N GLY A 306 7.11 -8.36 3.18
CA GLY A 306 6.17 -7.65 4.10
C GLY A 306 5.87 -8.34 5.41
N ASP A 307 5.73 -9.67 5.37
CA ASP A 307 5.46 -10.38 6.64
C ASP A 307 6.64 -10.43 7.55
N ARG A 308 7.84 -10.39 7.00
CA ARG A 308 9.05 -10.21 7.84
C ARG A 308 9.06 -8.86 8.54
N ILE A 309 8.60 -7.82 7.84
CA ILE A 309 8.48 -6.48 8.48
C ILE A 309 7.39 -6.52 9.57
N ALA A 310 6.23 -7.09 9.24
CA ALA A 310 5.12 -7.17 10.22
C ALA A 310 5.64 -7.88 11.51
N THR A 311 6.30 -9.01 11.31
CA THR A 311 6.73 -9.81 12.48
C THR A 311 7.87 -9.12 13.28
N LEU A 312 8.76 -8.46 12.55
CA LEU A 312 9.79 -7.63 13.15
C LEU A 312 9.13 -6.56 14.06
N ALA A 313 8.16 -5.82 13.50
CA ALA A 313 7.46 -4.75 14.25
C ALA A 313 6.62 -5.29 15.43
N ALA A 314 5.87 -6.41 15.21
CA ALA A 314 5.13 -7.02 16.30
C ALA A 314 6.04 -7.48 17.45
N SER A 315 7.20 -8.05 17.14
CA SER A 315 8.14 -8.49 18.20
C SER A 315 8.66 -7.23 18.97
N PHE A 316 9.17 -6.22 18.25
CA PHE A 316 9.70 -5.03 18.88
C PHE A 316 8.64 -4.34 19.77
N ILE A 317 7.47 -4.08 19.24
CA ILE A 317 6.43 -3.44 20.01
C ILE A 317 6.03 -4.22 21.29
N GLY A 318 5.92 -5.54 21.17
CA GLY A 318 5.67 -6.38 22.31
C GLY A 318 6.74 -6.30 23.36
N ASP A 319 8.02 -6.32 22.95
CA ASP A 319 9.09 -6.15 23.93
C ASP A 319 9.06 -4.74 24.57
N LEU A 320 8.77 -3.68 23.80
CA LEU A 320 8.70 -2.36 24.40
C LEU A 320 7.53 -2.22 25.38
N ALA A 321 6.36 -2.76 25.01
CA ALA A 321 5.20 -2.71 25.91
C ALA A 321 5.48 -3.46 27.21
N ARG A 322 6.11 -4.64 27.14
CA ARG A 322 6.50 -5.33 28.33
C ARG A 322 7.49 -4.55 29.20
N SER A 323 8.50 -4.04 28.53
CA SER A 323 9.52 -3.22 29.19
C SER A 323 8.93 -1.94 29.88
N ALA A 324 7.94 -1.31 29.24
CA ALA A 324 7.28 -0.13 29.72
C ALA A 324 6.25 -0.44 30.86
N GLY A 325 5.91 -1.71 31.08
CA GLY A 325 5.08 -2.19 32.18
C GLY A 325 3.63 -2.14 31.76
N ILE A 326 3.41 -2.11 30.43
CA ILE A 326 2.05 -1.98 29.88
C ILE A 326 1.57 -3.10 28.91
N ALA A 327 2.23 -4.26 28.93
CA ALA A 327 1.94 -5.39 28.02
C ALA A 327 0.48 -5.81 28.05
N GLN A 328 -0.07 -5.93 29.26
CA GLN A 328 -1.47 -6.30 29.50
C GLN A 328 -2.48 -5.29 28.92
N LYS A 329 -2.06 -4.05 28.71
CA LYS A 329 -2.91 -2.95 28.16
C LYS A 329 -2.74 -2.69 26.64
N LEU A 330 -1.71 -3.26 26.02
CA LEU A 330 -1.50 -3.13 24.56
C LEU A 330 -1.51 -4.51 23.88
N LYS A 331 -2.69 -5.11 23.81
CA LYS A 331 -2.88 -6.35 23.01
C LYS A 331 -2.60 -6.13 21.48
N ILE A 332 -1.58 -6.82 21.01
CA ILE A 332 -1.18 -6.73 19.61
C ILE A 332 -1.87 -7.84 18.80
N GLY A 333 -2.30 -7.51 17.60
CA GLY A 333 -2.73 -8.53 16.69
C GLY A 333 -2.06 -8.27 15.33
N VAL A 334 -1.87 -9.36 14.55
CA VAL A 334 -1.29 -9.23 13.20
C VAL A 334 -2.31 -9.61 12.09
N VAL A 335 -2.52 -8.69 11.15
CA VAL A 335 -3.44 -8.96 10.03
C VAL A 335 -2.58 -9.34 8.84
N GLN A 336 -2.98 -10.43 8.16
CA GLN A 336 -2.26 -10.95 7.02
C GLN A 336 -3.25 -11.12 5.85
N THR A 337 -2.72 -11.46 4.68
CA THR A 337 -3.56 -12.05 3.62
C THR A 337 -3.05 -13.46 3.31
N ALA A 338 -3.72 -14.11 2.35
CA ALA A 338 -3.42 -15.50 2.00
C ALA A 338 -2.05 -15.59 1.30
N TYR A 339 -1.49 -14.46 0.82
CA TYR A 339 -0.18 -14.48 0.16
C TYR A 339 0.93 -14.59 1.22
N ALA A 340 0.60 -14.40 2.52
CA ALA A 340 1.64 -14.54 3.55
C ALA A 340 2.23 -15.95 3.57
N ASN A 341 3.53 -16.04 3.67
CA ASN A 341 4.15 -17.37 3.77
C ASN A 341 3.65 -18.10 5.03
N GLY A 342 3.30 -19.38 4.88
CA GLY A 342 2.76 -20.15 6.04
C GLY A 342 3.70 -20.12 7.20
N SER A 343 5.01 -20.06 6.98
CA SER A 343 5.94 -20.01 8.11
C SER A 343 5.79 -18.72 8.96
N SER A 344 5.37 -17.61 8.33
CA SER A 344 5.22 -16.34 9.06
C SER A 344 3.99 -16.44 9.95
N THR A 345 2.93 -17.07 9.44
CA THR A 345 1.73 -17.31 10.25
C THR A 345 2.03 -18.18 11.50
N GLU A 346 2.79 -19.23 11.28
CA GLU A 346 3.17 -20.18 12.29
C GLU A 346 4.02 -19.46 13.38
N TYR A 347 4.96 -18.61 12.93
CA TYR A 347 5.80 -17.79 13.82
C TYR A 347 4.95 -16.90 14.67
N ILE A 348 3.94 -16.30 14.08
CA ILE A 348 3.12 -15.32 14.82
C ILE A 348 2.35 -16.09 15.91
N GLU A 349 1.90 -17.29 15.53
CA GLU A 349 1.12 -18.10 16.45
C GLU A 349 2.00 -18.72 17.56
N LYS A 350 3.13 -19.32 17.24
CA LYS A 350 3.84 -20.20 18.20
C LYS A 350 5.00 -19.54 18.90
N VAL A 351 5.56 -18.50 18.27
CA VAL A 351 6.70 -17.78 18.90
C VAL A 351 6.24 -16.46 19.45
N LEU A 352 5.56 -15.60 18.67
CA LEU A 352 5.08 -14.36 19.26
C LEU A 352 3.86 -14.56 20.13
N LYS A 353 3.13 -15.65 19.90
CA LYS A 353 1.90 -15.96 20.68
C LYS A 353 0.89 -14.83 20.57
N LEU A 354 0.63 -14.39 19.33
CA LEU A 354 -0.33 -13.29 19.09
C LEU A 354 -1.43 -13.81 18.18
N PRO A 355 -2.61 -13.18 18.27
CA PRO A 355 -3.62 -13.57 17.29
C PRO A 355 -3.20 -13.05 15.88
N SER A 356 -3.56 -13.80 14.84
CA SER A 356 -3.54 -13.29 13.46
C SER A 356 -4.91 -13.44 12.78
N VAL A 357 -5.19 -12.59 11.80
CA VAL A 357 -6.47 -12.59 11.10
C VAL A 357 -6.06 -12.56 9.62
N CYS A 358 -6.75 -13.31 8.76
CA CYS A 358 -6.45 -13.27 7.33
C CYS A 358 -7.58 -12.56 6.67
N THR A 359 -7.30 -11.55 5.85
CA THR A 359 -8.33 -10.79 5.15
C THR A 359 -8.14 -10.88 3.64
N ASN A 360 -9.09 -10.34 2.90
CA ASN A 360 -8.91 -10.18 1.42
C ASN A 360 -7.69 -9.32 1.09
N THR A 361 -7.16 -9.48 -0.12
CA THR A 361 -6.11 -8.64 -0.66
C THR A 361 -6.61 -7.20 -0.80
N GLY A 362 -5.72 -6.28 -0.44
CA GLY A 362 -6.04 -4.82 -0.64
C GLY A 362 -5.98 -4.18 0.76
N VAL A 363 -5.16 -3.14 0.91
CA VAL A 363 -4.95 -2.41 2.18
C VAL A 363 -6.28 -2.02 2.93
N LYS A 364 -7.29 -1.64 2.20
CA LYS A 364 -8.55 -1.28 2.80
C LYS A 364 -9.07 -2.38 3.72
N HIS A 365 -9.03 -3.63 3.25
CA HIS A 365 -9.44 -4.78 4.07
C HIS A 365 -8.54 -5.05 5.27
N LEU A 366 -7.22 -4.91 5.08
CA LEU A 366 -6.33 -5.17 6.22
C LEU A 366 -6.53 -4.13 7.31
N HIS A 367 -6.65 -2.86 6.90
CA HIS A 367 -6.80 -1.72 7.80
C HIS A 367 -8.07 -1.94 8.61
N HIS A 368 -9.15 -2.26 7.90
CA HIS A 368 -10.46 -2.66 8.58
C HIS A 368 -10.30 -3.65 9.70
N ALA A 369 -9.60 -4.77 9.46
CA ALA A 369 -9.46 -5.84 10.47
C ALA A 369 -8.55 -5.44 11.62
N ALA A 370 -7.55 -4.60 11.28
CA ALA A 370 -6.56 -4.17 12.25
C ALA A 370 -7.19 -3.24 13.31
N MET A 371 -8.32 -2.58 12.99
CA MET A 371 -9.08 -1.75 13.98
C MET A 371 -9.56 -2.56 15.18
N ARG A 372 -9.53 -3.88 15.10
CA ARG A 372 -10.05 -4.68 16.21
C ARG A 372 -9.05 -4.85 17.38
N PHE A 373 -7.80 -4.40 17.17
CA PHE A 373 -6.71 -4.57 18.15
C PHE A 373 -6.37 -3.21 18.77
N ASP A 374 -5.73 -3.21 19.94
CA ASP A 374 -5.12 -1.99 20.51
C ASP A 374 -4.00 -1.55 19.56
N VAL A 375 -3.14 -2.52 19.20
CA VAL A 375 -2.04 -2.26 18.22
C VAL A 375 -2.30 -3.24 17.02
N GLY A 376 -2.63 -2.74 15.84
CA GLY A 376 -2.95 -3.71 14.77
C GLY A 376 -1.78 -3.63 13.74
N VAL A 377 -0.98 -4.68 13.67
CA VAL A 377 0.17 -4.64 12.75
C VAL A 377 -0.41 -5.24 11.46
N TYR A 378 -0.35 -4.51 10.34
CA TYR A 378 -0.79 -5.16 9.10
C TYR A 378 0.09 -4.92 7.87
N PHE A 379 0.60 -6.00 7.30
CA PHE A 379 1.41 -5.95 6.05
C PHE A 379 0.89 -6.97 5.04
N GLU A 380 1.00 -6.69 3.73
CA GLU A 380 0.86 -7.70 2.74
C GLU A 380 2.26 -8.15 2.44
N ALA A 381 2.42 -9.41 1.99
CA ALA A 381 3.74 -9.94 1.66
C ALA A 381 4.49 -9.04 0.68
N ASN A 382 3.76 -8.38 -0.23
CA ASN A 382 4.36 -7.55 -1.28
C ASN A 382 5.00 -6.28 -0.70
N GLY A 383 4.79 -6.02 0.62
CA GLY A 383 5.48 -4.87 1.29
C GLY A 383 4.63 -3.63 1.53
N HIS A 384 3.35 -3.70 1.22
CA HIS A 384 2.40 -2.70 1.79
C HIS A 384 2.17 -2.92 3.24
N GLY A 385 2.13 -1.86 4.03
CA GLY A 385 1.52 -2.04 5.32
C GLY A 385 2.02 -1.00 6.34
N THR A 386 1.48 -1.14 7.55
CA THR A 386 1.69 -0.15 8.58
C THR A 386 1.28 -0.75 9.93
N ILE A 387 1.18 0.11 10.93
CA ILE A 387 0.75 -0.33 12.26
C ILE A 387 -0.21 0.73 12.70
N THR A 388 -1.36 0.29 13.13
CA THR A 388 -2.38 1.24 13.59
C THR A 388 -2.49 1.12 15.15
N PHE A 389 -2.63 2.25 15.82
CA PHE A 389 -2.77 2.29 17.30
C PHE A 389 -4.15 2.85 17.57
N SER A 390 -4.93 2.10 18.29
CA SER A 390 -6.31 2.56 18.68
C SER A 390 -6.31 3.81 19.58
N GLU A 391 -7.46 4.46 19.68
CA GLU A 391 -7.59 5.57 20.65
C GLU A 391 -7.11 5.25 22.10
N ASN A 392 -7.58 4.13 22.64
CA ASN A 392 -7.20 3.65 23.94
C ASN A 392 -5.72 3.33 24.04
N ALA A 393 -5.12 2.80 22.98
CA ALA A 393 -3.68 2.48 22.99
C ALA A 393 -2.87 3.77 23.05
N LEU A 394 -3.30 4.75 22.26
CA LEU A 394 -2.54 6.00 22.21
C LEU A 394 -2.59 6.72 23.57
N LYS A 395 -3.76 6.64 24.21
CA LYS A 395 -3.98 7.26 25.55
C LYS A 395 -3.08 6.57 26.58
N THR A 396 -3.06 5.24 26.61
CA THR A 396 -2.13 4.46 27.41
C THR A 396 -0.68 4.84 27.14
N ILE A 397 -0.27 4.91 25.86
CA ILE A 397 1.12 5.24 25.50
C ILE A 397 1.49 6.67 25.94
N LYS A 398 0.53 7.59 25.82
CA LYS A 398 0.77 8.98 26.15
C LYS A 398 0.79 9.23 27.68
N ASN A 399 -0.10 8.59 28.43
CA ASN A 399 -0.40 8.97 29.82
C ASN A 399 0.17 8.07 30.90
N THR A 400 0.68 6.88 30.56
CA THR A 400 1.22 5.96 31.56
C THR A 400 2.39 6.67 32.26
N GLU A 401 2.51 6.53 33.58
CA GLU A 401 3.70 7.09 34.27
C GLU A 401 4.50 5.93 34.87
N PRO A 402 5.63 5.55 34.27
CA PRO A 402 6.11 4.23 34.75
C PRO A 402 7.05 4.39 35.99
N GLN A 403 7.22 3.33 36.77
CA GLN A 403 7.93 3.33 38.04
C GLN A 403 9.40 3.71 37.80
N SER A 404 10.07 3.23 36.74
CA SER A 404 11.56 3.36 36.65
C SER A 404 12.10 3.93 35.35
N PRO A 405 13.35 4.44 35.40
CA PRO A 405 13.92 4.97 34.15
C PRO A 405 13.92 3.98 32.95
N ALA A 406 14.17 2.68 33.16
CA ALA A 406 14.18 1.69 32.00
C ALA A 406 12.77 1.69 31.38
N GLN A 407 11.75 1.78 32.26
CA GLN A 407 10.38 1.72 31.74
C GLN A 407 10.01 2.98 31.02
N GLN A 408 10.46 4.11 31.56
CA GLN A 408 10.26 5.39 30.88
C GLN A 408 10.95 5.40 29.48
N ARG A 409 12.17 4.87 29.38
CA ARG A 409 12.86 4.87 28.07
C ARG A 409 12.03 4.08 27.02
N SER A 410 11.54 2.89 27.42
CA SER A 410 10.70 2.09 26.52
C SER A 410 9.41 2.79 26.20
N LEU A 411 8.79 3.44 27.20
CA LEU A 411 7.57 4.17 26.93
C LEU A 411 7.83 5.30 25.91
N GLU A 412 8.91 6.05 26.09
CA GLU A 412 9.24 7.12 25.18
C GLU A 412 9.54 6.59 23.76
N CYS A 413 10.18 5.43 23.68
CA CYS A 413 10.43 4.82 22.35
C CYS A 413 9.07 4.51 21.71
N LEU A 414 8.13 3.93 22.46
CA LEU A 414 6.81 3.67 21.88
C LEU A 414 6.11 4.90 21.40
N GLN A 415 6.20 5.98 22.18
CA GLN A 415 5.52 7.24 21.81
C GLN A 415 6.09 7.76 20.51
N ALA A 416 7.43 7.72 20.38
CA ALA A 416 8.06 8.18 19.16
C ALA A 416 7.58 7.30 17.90
N LEU A 417 7.49 6.00 18.13
CA LEU A 417 7.06 5.05 17.08
C LEU A 417 5.65 5.44 16.57
N THR A 418 4.76 5.86 17.46
CA THR A 418 3.44 6.23 17.06
C THR A 418 3.51 7.51 16.23
N ASP A 419 4.52 8.36 16.42
CA ASP A 419 4.63 9.53 15.48
C ASP A 419 5.37 9.23 14.18
N LEU A 420 6.18 8.19 14.22
CA LEU A 420 6.96 7.79 13.03
C LEU A 420 6.01 7.03 12.06
N ILE A 421 5.13 6.19 12.61
CA ILE A 421 4.40 5.22 11.79
C ILE A 421 3.23 5.87 11.13
N ASN A 422 3.26 5.87 9.78
CA ASN A 422 2.25 6.54 9.03
C ASN A 422 0.94 5.77 9.24
N GLN A 423 0.02 6.45 9.90
CA GLN A 423 -1.21 5.85 10.32
C GLN A 423 -2.17 5.76 9.10
N ALA A 424 -2.97 4.66 9.09
CA ALA A 424 -3.99 4.24 8.04
C ALA A 424 -3.49 3.42 6.81
N VAL A 425 -3.21 4.11 5.72
CA VAL A 425 -2.56 3.49 4.60
C VAL A 425 -1.04 3.53 4.96
N GLY A 426 -0.33 2.50 4.63
CA GLY A 426 1.08 2.49 5.01
C GLY A 426 1.89 3.46 4.22
N ASP A 427 3.11 3.69 4.69
CA ASP A 427 4.06 4.57 3.99
C ASP A 427 5.37 3.81 3.92
N ALA A 428 5.80 3.37 2.73
CA ALA A 428 7.03 2.61 2.57
C ALA A 428 8.31 3.23 3.15
N ILE A 429 8.49 4.54 2.96
CA ILE A 429 9.72 5.14 3.45
C ILE A 429 9.70 5.25 4.96
N SER A 430 8.52 5.57 5.57
CA SER A 430 8.39 5.58 7.05
C SER A 430 8.61 4.13 7.60
N ASP A 431 8.05 3.13 6.92
CA ASP A 431 8.33 1.70 7.23
C ASP A 431 9.82 1.34 7.12
N MET A 432 10.49 1.86 6.12
CA MET A 432 11.94 1.68 6.05
C MET A 432 12.64 2.28 7.32
N LEU A 433 12.28 3.52 7.73
CA LEU A 433 12.96 4.07 8.93
C LEU A 433 12.59 3.21 10.17
N LEU A 434 11.34 2.76 10.23
CA LEU A 434 10.92 1.83 11.29
C LEU A 434 11.81 0.59 11.38
N VAL A 435 12.00 -0.07 10.27
CA VAL A 435 12.86 -1.26 10.24
C VAL A 435 14.31 -0.93 10.66
N GLU A 436 14.80 0.18 10.14
CA GLU A 436 16.15 0.63 10.54
C GLU A 436 16.29 0.85 12.07
N ALA A 437 15.29 1.55 12.66
CA ALA A 437 15.24 1.79 14.07
C ALA A 437 15.15 0.47 14.83
N ILE A 438 14.30 -0.45 14.38
CA ILE A 438 14.17 -1.71 15.07
C ILE A 438 15.46 -2.50 15.11
N LEU A 439 16.07 -2.71 13.96
CA LEU A 439 17.35 -3.46 13.91
C LEU A 439 18.40 -2.78 14.77
N ALA A 440 18.41 -1.42 14.79
CA ALA A 440 19.42 -0.67 15.57
C ALA A 440 19.17 -0.97 17.09
N HIS A 441 17.89 -0.97 17.53
CA HIS A 441 17.60 -1.25 18.93
C HIS A 441 17.89 -2.70 19.35
N LYS A 442 17.49 -3.65 18.51
CA LYS A 442 17.73 -5.07 18.78
C LYS A 442 19.21 -5.41 18.67
N GLY A 443 19.95 -4.67 17.85
CA GLY A 443 21.41 -4.91 17.58
C GLY A 443 21.55 -5.92 16.44
N TRP A 444 20.43 -6.27 15.81
CA TRP A 444 20.41 -7.32 14.79
C TRP A 444 20.95 -6.87 13.46
N THR A 445 21.55 -7.81 12.74
CA THR A 445 21.85 -7.66 11.28
C THR A 445 20.79 -8.41 10.48
N PRO A 446 20.80 -8.30 9.12
CA PRO A 446 19.77 -9.12 8.38
C PRO A 446 19.87 -10.66 8.66
N LYS A 447 21.07 -11.14 8.89
CA LYS A 447 21.24 -12.54 9.36
C LYS A 447 20.26 -12.91 10.51
N GLU A 448 20.27 -12.15 11.64
CA GLU A 448 19.37 -12.47 12.78
C GLU A 448 17.91 -12.32 12.48
N TRP A 449 17.59 -11.32 11.66
CA TRP A 449 16.22 -11.12 11.28
C TRP A 449 15.75 -12.33 10.39
N LEU A 450 16.56 -12.73 9.42
CA LEU A 450 16.23 -13.91 8.61
C LEU A 450 16.05 -15.19 9.47
N ALA A 451 16.83 -15.29 10.56
CA ALA A 451 16.81 -16.48 11.38
C ALA A 451 15.58 -16.61 12.28
N THR A 452 14.77 -15.55 12.41
CA THR A 452 13.52 -15.64 13.17
C THR A 452 12.64 -16.85 12.80
N TYR A 453 12.47 -17.09 11.49
CA TYR A 453 11.73 -18.26 11.00
C TYR A 453 12.22 -18.51 9.56
N THR A 454 12.00 -19.70 9.03
CA THR A 454 12.39 -19.99 7.65
C THR A 454 11.15 -20.06 6.77
N ASP A 455 11.11 -19.22 5.73
CA ASP A 455 9.98 -19.24 4.79
C ASP A 455 9.87 -20.61 4.11
N LEU A 456 8.67 -21.11 3.98
CA LEU A 456 8.44 -22.24 3.01
C LEU A 456 8.77 -21.76 1.60
N PRO A 457 9.49 -22.58 0.80
CA PRO A 457 9.68 -22.26 -0.62
C PRO A 457 8.32 -21.92 -1.22
N SER A 458 8.26 -20.81 -1.97
CA SER A 458 6.97 -20.40 -2.56
C SER A 458 7.17 -19.88 -3.97
N ARG A 459 6.04 -19.64 -4.64
CA ARG A 459 6.10 -19.27 -6.05
C ARG A 459 4.85 -18.54 -6.41
N LEU A 460 4.99 -17.44 -7.16
CA LEU A 460 3.83 -16.74 -7.78
C LEU A 460 3.84 -16.99 -9.28
N VAL A 461 2.67 -17.23 -9.88
CA VAL A 461 2.57 -17.31 -11.36
C VAL A 461 1.44 -16.43 -11.82
N ARG A 462 1.70 -15.55 -12.80
CA ARG A 462 0.70 -14.63 -13.28
C ARG A 462 0.12 -15.32 -14.51
N VAL A 463 -1.18 -15.60 -14.48
CA VAL A 463 -1.81 -16.41 -15.53
C VAL A 463 -2.73 -15.50 -16.34
N GLU A 464 -2.53 -15.46 -17.66
CA GLU A 464 -3.48 -14.68 -18.55
C GLU A 464 -4.66 -15.54 -18.92
N VAL A 465 -5.88 -15.01 -18.79
CA VAL A 465 -7.09 -15.79 -19.14
C VAL A 465 -7.97 -14.89 -20.02
N ALA A 466 -8.97 -15.43 -20.72
CA ALA A 466 -9.93 -14.58 -21.52
C ALA A 466 -10.81 -13.76 -20.68
N GLU A 467 -11.19 -14.30 -19.51
CA GLU A 467 -12.32 -13.70 -18.82
C GLU A 467 -12.16 -13.79 -17.31
N ARG A 468 -11.44 -12.87 -16.69
CA ARG A 468 -11.06 -13.21 -15.29
C ARG A 468 -12.31 -13.11 -14.36
N SER A 469 -13.41 -12.53 -14.86
CA SER A 469 -14.64 -12.38 -14.08
C SER A 469 -15.29 -13.73 -13.76
N ILE A 470 -14.89 -14.79 -14.44
CA ILE A 470 -15.42 -16.12 -14.04
C ILE A 470 -14.68 -16.72 -12.79
N PHE A 471 -13.58 -16.11 -12.37
CA PHE A 471 -12.83 -16.59 -11.16
C PHE A 471 -13.33 -15.81 -9.95
N LYS A 472 -14.15 -16.45 -9.11
CA LYS A 472 -14.82 -15.74 -7.99
C LYS A 472 -14.40 -16.45 -6.71
N ALA A 473 -13.81 -15.71 -5.81
CA ALA A 473 -13.21 -16.32 -4.64
C ALA A 473 -13.91 -15.95 -3.32
N TYR A 474 -13.70 -16.76 -2.29
CA TYR A 474 -14.29 -16.47 -0.96
C TYR A 474 -13.35 -17.01 0.15
N ASP A 475 -13.67 -16.72 1.43
CA ASP A 475 -12.88 -17.17 2.60
C ASP A 475 -11.51 -16.49 2.56
N ALA A 476 -11.54 -15.15 2.64
CA ALA A 476 -10.31 -14.33 2.48
C ALA A 476 -9.63 -14.72 1.16
N GLU A 477 -10.51 -14.91 0.15
CA GLU A 477 -10.14 -15.25 -1.21
C GLU A 477 -9.31 -16.58 -1.36
N ARG A 478 -9.38 -17.47 -0.37
CA ARG A 478 -8.56 -18.70 -0.37
C ARG A 478 -9.21 -19.87 -1.15
N LYS A 479 -10.48 -19.71 -1.55
CA LYS A 479 -11.18 -20.78 -2.32
C LYS A 479 -11.92 -20.13 -3.48
N LEU A 480 -11.99 -20.85 -4.60
CA LEU A 480 -12.80 -20.42 -5.78
C LEU A 480 -14.21 -21.02 -5.73
N GLU A 481 -15.21 -20.14 -5.71
CA GLU A 481 -16.59 -20.58 -5.88
C GLU A 481 -16.78 -20.98 -7.37
N SER A 482 -16.07 -20.29 -8.23
CA SER A 482 -16.23 -20.43 -9.69
C SER A 482 -14.84 -20.20 -10.31
N PRO A 483 -14.47 -20.84 -11.43
CA PRO A 483 -15.30 -21.75 -12.24
C PRO A 483 -15.60 -23.11 -11.51
N PRO A 484 -16.76 -23.74 -11.83
CA PRO A 484 -17.19 -24.96 -11.12
C PRO A 484 -16.11 -26.01 -11.27
N GLY A 485 -15.77 -26.70 -10.17
CA GLY A 485 -14.87 -27.86 -10.28
C GLY A 485 -13.39 -27.49 -10.09
N LEU A 486 -13.00 -26.22 -10.24
CA LEU A 486 -11.56 -25.86 -10.21
C LEU A 486 -11.02 -25.93 -8.79
N GLN A 487 -11.73 -25.37 -7.80
CA GLN A 487 -11.27 -25.54 -6.38
C GLN A 487 -11.01 -27.02 -5.96
N ALA A 488 -11.90 -27.90 -6.38
CA ALA A 488 -11.71 -29.35 -6.21
C ALA A 488 -10.32 -29.79 -6.70
N LYS A 489 -9.96 -29.34 -7.90
CA LYS A 489 -8.62 -29.71 -8.47
C LYS A 489 -7.51 -29.15 -7.60
N ILE A 490 -7.65 -27.87 -7.19
CA ILE A 490 -6.60 -27.21 -6.39
C ILE A 490 -6.48 -27.92 -5.06
N ASP A 491 -7.60 -28.26 -4.39
CA ASP A 491 -7.53 -29.01 -3.11
C ASP A 491 -6.80 -30.34 -3.30
N SER A 492 -7.17 -31.04 -4.38
CA SER A 492 -6.54 -32.34 -4.65
C SER A 492 -4.99 -32.17 -4.89
N LEU A 493 -4.59 -31.19 -5.71
CA LEU A 493 -3.17 -30.96 -6.01
C LEU A 493 -2.40 -30.60 -4.73
N GLN A 494 -2.92 -29.66 -3.94
CA GLN A 494 -2.10 -29.18 -2.77
C GLN A 494 -1.82 -30.27 -1.75
N SER A 495 -2.76 -31.21 -1.60
CA SER A 495 -2.61 -32.36 -0.69
C SER A 495 -1.51 -33.36 -1.10
N ARG A 496 -1.02 -33.29 -2.32
CA ARG A 496 0.09 -34.21 -2.68
C ARG A 496 1.47 -33.72 -2.18
N TYR A 497 1.55 -32.51 -1.65
CA TYR A 497 2.89 -31.99 -1.33
C TYR A 497 3.00 -31.77 0.17
N ASN A 498 4.23 -31.90 0.66
CA ASN A 498 4.46 -31.62 2.10
C ASN A 498 4.23 -30.11 2.39
N LYS A 499 3.33 -29.77 3.33
CA LYS A 499 2.95 -28.35 3.64
C LYS A 499 2.41 -27.62 2.38
N GLY A 500 1.91 -28.40 1.42
CA GLY A 500 1.32 -27.85 0.19
C GLY A 500 0.16 -26.91 0.42
N ARG A 501 0.26 -25.68 -0.11
CA ARG A 501 -0.85 -24.73 -0.02
CA ARG A 501 -0.85 -24.72 -0.05
C ARG A 501 -0.82 -23.87 -1.28
N SER A 502 -1.94 -23.84 -1.99
CA SER A 502 -2.03 -23.03 -3.22
C SER A 502 -3.39 -22.43 -3.36
N PHE A 503 -3.47 -21.19 -3.88
CA PHE A 503 -4.77 -20.61 -4.20
C PHE A 503 -4.64 -19.73 -5.45
N ALA A 504 -5.76 -19.56 -6.17
CA ALA A 504 -5.81 -18.73 -7.38
C ALA A 504 -6.91 -17.67 -7.22
N ARG A 505 -6.70 -16.44 -7.73
CA ARG A 505 -7.76 -15.43 -7.63
C ARG A 505 -7.44 -14.39 -8.70
N ALA A 506 -8.50 -13.76 -9.18
CA ALA A 506 -8.40 -12.66 -10.19
C ALA A 506 -7.70 -11.49 -9.51
N SER A 507 -6.75 -10.90 -10.25
CA SER A 507 -6.18 -9.62 -9.86
C SER A 507 -7.24 -8.53 -10.06
N GLY A 508 -7.22 -7.53 -9.17
CA GLY A 508 -8.00 -6.27 -9.30
C GLY A 508 -7.14 -5.10 -9.67
N THR A 509 -5.88 -5.35 -10.10
CA THR A 509 -5.02 -4.22 -10.57
C THR A 509 -4.53 -4.44 -12.03
N GLU A 510 -4.53 -5.70 -12.51
CA GLU A 510 -4.08 -6.12 -13.80
C GLU A 510 -5.03 -7.16 -14.35
N ASP A 511 -5.04 -7.30 -15.68
CA ASP A 511 -5.81 -8.34 -16.30
C ASP A 511 -5.09 -9.72 -16.23
N ALA A 512 -5.14 -10.37 -15.07
CA ALA A 512 -4.56 -11.70 -14.92
C ALA A 512 -5.26 -12.39 -13.75
N VAL A 513 -5.03 -13.72 -13.66
CA VAL A 513 -5.30 -14.48 -12.47
C VAL A 513 -3.93 -14.75 -11.80
N ARG A 514 -3.90 -14.61 -10.46
CA ARG A 514 -2.66 -14.92 -9.74
C ARG A 514 -2.72 -16.29 -9.13
N VAL A 515 -1.62 -17.03 -9.21
CA VAL A 515 -1.50 -18.32 -8.53
C VAL A 515 -0.36 -18.17 -7.53
N TYR A 516 -0.64 -18.63 -6.32
CA TYR A 516 0.40 -18.71 -5.30
C TYR A 516 0.51 -20.17 -4.88
N ALA A 517 1.74 -20.65 -4.64
CA ALA A 517 1.90 -21.96 -4.06
C ALA A 517 3.08 -21.89 -3.08
N GLU A 518 2.97 -22.62 -1.99
CA GLU A 518 4.09 -22.88 -1.10
C GLU A 518 4.13 -24.42 -0.81
N ALA A 519 5.31 -24.93 -0.52
CA ALA A 519 5.42 -26.29 0.03
C ALA A 519 6.73 -26.39 0.81
N ALA A 520 7.10 -27.58 1.30
CA ALA A 520 8.28 -27.70 2.15
C ALA A 520 9.58 -27.63 1.41
N SER A 521 9.57 -27.89 0.10
CA SER A 521 10.78 -27.94 -0.69
C SER A 521 10.57 -27.17 -2.00
N ARG A 522 11.68 -26.69 -2.60
CA ARG A 522 11.66 -25.91 -3.85
C ARG A 522 10.97 -26.68 -5.01
N SER A 523 11.33 -27.97 -5.19
CA SER A 523 10.72 -28.79 -6.23
C SER A 523 9.21 -28.91 -6.06
N GLU A 524 8.78 -29.12 -4.82
CA GLU A 524 7.34 -29.24 -4.55
C GLU A 524 6.60 -27.95 -4.81
N ALA A 525 7.14 -26.83 -4.33
CA ALA A 525 6.38 -25.56 -4.51
C ALA A 525 6.29 -25.23 -5.99
N ASP A 526 7.38 -25.42 -6.75
CA ASP A 526 7.33 -25.09 -8.18
C ASP A 526 6.37 -26.01 -8.94
N ASP A 527 6.36 -27.29 -8.54
CA ASP A 527 5.46 -28.25 -9.22
C ASP A 527 3.99 -27.93 -8.94
N LEU A 528 3.71 -27.61 -7.68
CA LEU A 528 2.33 -27.29 -7.30
C LEU A 528 1.89 -26.03 -8.04
N ALA A 529 2.75 -25.01 -8.06
CA ALA A 529 2.37 -23.73 -8.71
C ALA A 529 2.12 -23.97 -10.21
N THR A 530 2.97 -24.77 -10.86
CA THR A 530 2.84 -24.96 -12.31
C THR A 530 1.58 -25.77 -12.58
N ARG A 531 1.31 -26.83 -11.81
CA ARG A 531 0.10 -27.65 -12.06
C ARG A 531 -1.20 -26.88 -11.82
N VAL A 532 -1.19 -26.07 -10.76
CA VAL A 532 -2.38 -25.15 -10.47
C VAL A 532 -2.50 -24.13 -11.61
N ALA A 533 -1.37 -23.47 -11.98
CA ALA A 533 -1.52 -22.50 -13.07
C ALA A 533 -2.07 -23.15 -14.39
N ASN A 534 -1.61 -24.36 -14.71
CA ASN A 534 -2.13 -25.01 -15.95
C ASN A 534 -3.63 -25.30 -15.82
N ALA A 535 -4.08 -25.72 -14.65
CA ALA A 535 -5.57 -25.91 -14.39
C ALA A 535 -6.36 -24.61 -14.53
N VAL A 536 -5.78 -23.50 -14.05
CA VAL A 536 -6.43 -22.16 -14.20
C VAL A 536 -6.47 -21.73 -15.67
N ARG A 537 -5.34 -21.89 -16.36
CA ARG A 537 -5.20 -21.39 -17.75
C ARG A 537 -6.21 -22.12 -18.60
N ASP A 538 -6.27 -23.43 -18.46
CA ASP A 538 -7.23 -24.30 -19.08
C ASP A 538 -8.68 -23.83 -18.82
N ALA A 539 -9.06 -23.67 -17.56
CA ALA A 539 -10.40 -23.13 -17.23
C ALA A 539 -10.69 -21.71 -17.81
N GLY A 540 -9.67 -20.82 -17.91
CA GLY A 540 -9.98 -19.41 -18.08
C GLY A 540 -9.98 -19.00 -19.54
N THR A 541 -9.88 -20.01 -20.40
CA THR A 541 -9.35 -19.81 -21.75
C THR A 541 -10.19 -20.65 -22.75
N VAL A 542 -11.38 -21.06 -22.30
CA VAL A 542 -12.24 -22.02 -23.03
C VAL A 542 -12.80 -21.48 -24.36
#